data_8Q3U
#
_entry.id   8Q3U
#
_cell.length_a   66.965
_cell.length_b   89.422
_cell.length_c   44.267
_cell.angle_alpha   90.00
_cell.angle_beta   90.00
_cell.angle_gamma   90.00
#
_symmetry.space_group_name_H-M   'P 21 21 2'
#
loop_
_entity.id
_entity.type
_entity.pdbx_description
1 polymer 'Carbonic anhydrase 7'
2 non-polymer 'ZINC ION'
3 non-polymer ~{N}-phenyl-~{N}-[1-[2-(4-sulfamoylphenyl)ethyl]piperidin-4-yl]propanamide
4 non-polymer GLYCEROL
5 water water
#
_entity_poly.entity_id   1
_entity_poly.type   'polypeptide(L)'
_entity_poly.pdbx_seq_one_letter_code
;MGMTGHHGWGYGQDDGPSHWHKLYPIAQGDRQSPINIISSQAVYSPSLQPLELSYEACMSLSITNNGHSVQVDFNDSDDR
TVVTGGPLEGPYRLKQFHFHWGKKHDVGSEHTVDGKSFPSELHLVHWNAKKYSTFGEAASAPDGLAVVGVFLETGDEHPS
MNRLTDALYMVRFKGTKAQFSCFNPKSLLPASRHYWTYPGSLTTPPLSESVTWIVLREPISISERQMGKFRSLLFTSEDD
ERIHMVNNFRPPQPLKGRVVKASFRALEHHHHHH
;
_entity_poly.pdbx_strand_id   A
#
# COMPACT_ATOMS: atom_id res chain seq x y z
N GLY A 8 6.88 -1.33 19.57
CA GLY A 8 6.21 -0.33 20.47
C GLY A 8 5.02 0.35 19.83
N TRP A 9 4.54 -0.10 18.67
CA TRP A 9 3.36 0.46 18.00
C TRP A 9 2.54 -0.65 17.34
N GLY A 10 1.29 -0.34 17.11
CA GLY A 10 0.39 -1.27 16.44
C GLY A 10 -0.86 -0.54 16.09
N TYR A 11 -1.96 -1.26 16.16
CA TYR A 11 -3.30 -0.77 15.76
C TYR A 11 -4.33 -1.02 16.87
N GLY A 12 -3.86 -1.29 18.08
CA GLY A 12 -4.76 -1.56 19.18
C GLY A 12 -5.14 -0.28 19.92
N GLN A 13 -5.90 -0.47 20.98
CA GLN A 13 -6.46 0.66 21.74
C GLN A 13 -5.32 1.49 22.34
N ASP A 14 -4.25 0.85 22.77
CA ASP A 14 -3.21 1.59 23.52
C ASP A 14 -2.00 1.94 22.67
N ASP A 15 -1.82 1.35 21.50
CA ASP A 15 -0.58 1.52 20.72
C ASP A 15 -0.90 1.99 19.30
N GLY A 16 -2.12 2.40 19.04
CA GLY A 16 -2.57 2.69 17.68
C GLY A 16 -2.24 4.10 17.19
N PRO A 17 -2.68 4.42 15.97
CA PRO A 17 -2.30 5.64 15.29
C PRO A 17 -2.43 6.95 16.06
N SER A 18 -3.43 7.12 16.91
N SER A 18 -3.42 7.05 16.94
CA SER A 18 -3.54 8.40 17.66
CA SER A 18 -3.61 8.29 17.73
C SER A 18 -2.38 8.59 18.64
C SER A 18 -2.46 8.54 18.71
N HIS A 19 -1.62 7.53 18.94
CA HIS A 19 -0.54 7.57 19.93
C HIS A 19 0.84 7.52 19.28
N TRP A 20 0.94 7.30 17.98
CA TRP A 20 2.25 7.08 17.33
C TRP A 20 3.15 8.28 17.49
N HIS A 21 2.59 9.47 17.59
CA HIS A 21 3.40 10.69 17.73
C HIS A 21 4.27 10.64 18.98
N LYS A 22 3.91 9.85 19.98
CA LYS A 22 4.71 9.77 21.23
C LYS A 22 6.05 9.11 20.94
N LEU A 23 6.12 8.32 19.88
CA LEU A 23 7.36 7.64 19.43
C LEU A 23 8.02 8.41 18.29
N TYR A 24 7.21 8.80 17.29
CA TYR A 24 7.69 9.42 16.05
C TYR A 24 7.00 10.75 15.91
N PRO A 25 7.63 11.85 16.37
CA PRO A 25 6.96 13.15 16.30
C PRO A 25 6.61 13.61 14.90
N ILE A 26 7.28 13.07 13.88
CA ILE A 26 6.91 13.42 12.48
C ILE A 26 5.49 12.96 12.16
N ALA A 27 4.88 12.14 13.01
CA ALA A 27 3.46 11.80 12.85
C ALA A 27 2.60 13.05 12.68
N GLN A 28 3.01 14.16 13.28
CA GLN A 28 2.30 15.46 13.20
C GLN A 28 2.96 16.43 12.20
N GLY A 29 3.69 15.91 11.22
CA GLY A 29 4.37 16.72 10.19
C GLY A 29 3.45 17.29 9.14
N ASP A 30 4.08 17.92 8.17
CA ASP A 30 3.37 18.66 7.10
C ASP A 30 3.10 17.83 5.86
N ARG A 31 3.60 16.59 5.82
N ARG A 31 3.65 16.63 5.74
CA ARG A 31 3.57 15.76 4.60
CA ARG A 31 3.40 15.80 4.53
C ARG A 31 3.09 14.36 4.96
C ARG A 31 3.07 14.37 4.95
N GLN A 32 2.10 14.22 5.85
CA GLN A 32 1.70 12.90 6.35
C GLN A 32 0.60 12.27 5.48
N SER A 33 0.61 10.96 5.46
CA SER A 33 -0.35 10.13 4.71
C SER A 33 -1.01 9.16 5.65
N PRO A 34 -2.18 8.63 5.30
CA PRO A 34 -2.97 8.93 4.09
C PRO A 34 -3.72 10.26 4.24
N ILE A 35 -4.52 10.57 3.23
CA ILE A 35 -5.40 11.77 3.19
C ILE A 35 -6.78 11.35 2.70
N ASN A 36 -7.72 12.23 2.96
CA ASN A 36 -9.04 12.23 2.29
C ASN A 36 -8.89 13.04 0.99
N ILE A 37 -9.12 12.37 -0.13
CA ILE A 37 -9.03 13.01 -1.46
C ILE A 37 -10.41 13.61 -1.74
N ILE A 38 -10.49 14.93 -1.78
CA ILE A 38 -11.72 15.63 -2.15
C ILE A 38 -11.64 15.79 -3.66
N SER A 39 -12.40 14.99 -4.38
CA SER A 39 -12.19 14.81 -5.83
C SER A 39 -12.40 16.16 -6.54
N SER A 40 -13.33 17.00 -6.08
CA SER A 40 -13.62 18.32 -6.71
C SER A 40 -12.47 19.31 -6.48
N GLN A 41 -11.60 19.04 -5.51
CA GLN A 41 -10.49 19.95 -5.14
C GLN A 41 -9.15 19.48 -5.71
N ALA A 42 -9.09 18.32 -6.34
CA ALA A 42 -7.87 17.87 -7.05
C ALA A 42 -7.69 18.70 -8.32
N VAL A 43 -6.44 18.97 -8.71
CA VAL A 43 -6.06 19.85 -9.86
C VAL A 43 -5.76 18.90 -11.03
N TYR A 44 -6.54 19.01 -12.10
CA TYR A 44 -6.23 18.27 -13.33
C TYR A 44 -4.86 18.71 -13.85
N SER A 45 -3.94 17.78 -14.06
CA SER A 45 -2.52 18.08 -14.38
C SER A 45 -2.16 17.37 -15.68
N PRO A 46 -2.51 17.93 -16.87
CA PRO A 46 -2.26 17.25 -18.14
C PRO A 46 -0.77 17.19 -18.52
N SER A 47 0.10 17.92 -17.82
CA SER A 47 1.58 17.86 -18.00
C SER A 47 2.14 16.52 -17.51
N LEU A 48 1.50 15.85 -16.53
CA LEU A 48 1.90 14.50 -16.04
C LEU A 48 2.02 13.54 -17.24
N GLN A 49 3.04 12.68 -17.22
CA GLN A 49 3.27 11.58 -18.22
C GLN A 49 2.32 10.43 -17.94
N PRO A 50 1.96 9.58 -18.93
CA PRO A 50 1.18 8.37 -18.64
C PRO A 50 1.88 7.49 -17.61
N LEU A 51 1.07 6.95 -16.73
CA LEU A 51 1.54 6.02 -15.69
C LEU A 51 1.70 4.63 -16.28
N GLU A 52 2.88 4.04 -16.10
CA GLU A 52 3.17 2.70 -16.62
C GLU A 52 3.61 1.84 -15.46
N LEU A 53 2.89 0.76 -15.26
CA LEU A 53 3.22 -0.28 -14.27
C LEU A 53 3.74 -1.46 -15.08
N SER A 54 5.06 -1.53 -15.24
N SER A 54 5.07 -1.54 -15.19
CA SER A 54 5.73 -2.52 -16.12
CA SER A 54 5.81 -2.47 -16.06
C SER A 54 6.26 -3.64 -15.23
C SER A 54 6.27 -3.65 -15.20
N TYR A 55 5.42 -4.65 -15.03
CA TYR A 55 5.65 -5.73 -14.08
C TYR A 55 5.85 -7.06 -14.78
N GLU A 56 6.88 -7.79 -14.37
CA GLU A 56 7.14 -9.15 -14.85
C GLU A 56 6.36 -10.15 -14.02
N ALA A 57 6.23 -11.37 -14.52
CA ALA A 57 5.32 -12.35 -13.95
C ALA A 57 6.00 -13.15 -12.86
N CYS A 58 7.34 -13.28 -12.87
CA CYS A 58 8.03 -14.20 -11.95
C CYS A 58 9.18 -13.49 -11.23
N MET A 59 8.82 -12.45 -10.51
N MET A 59 8.86 -12.42 -10.52
CA MET A 59 9.77 -11.66 -9.67
CA MET A 59 9.86 -11.73 -9.66
C MET A 59 9.41 -11.78 -8.18
C MET A 59 9.43 -11.80 -8.17
N SER A 60 8.29 -12.42 -7.83
CA SER A 60 7.89 -12.57 -6.42
C SER A 60 8.77 -13.62 -5.73
N LEU A 61 8.98 -13.41 -4.45
CA LEU A 61 9.81 -14.31 -3.63
C LEU A 61 9.00 -15.04 -2.58
N SER A 62 8.25 -14.31 -1.78
CA SER A 62 7.73 -14.83 -0.50
C SER A 62 6.50 -14.05 -0.10
N ILE A 63 5.73 -14.64 0.78
CA ILE A 63 4.58 -13.99 1.47
C ILE A 63 4.84 -14.13 2.96
N THR A 64 4.65 -13.04 3.70
N THR A 64 4.65 -13.05 3.71
CA THR A 64 5.05 -12.92 5.13
CA THR A 64 5.01 -13.00 5.13
C THR A 64 3.95 -12.22 5.93
C THR A 64 3.90 -12.28 5.90
N ASN A 65 3.65 -12.78 7.10
CA ASN A 65 2.86 -12.04 8.11
C ASN A 65 3.86 -11.36 9.05
N ASN A 66 4.00 -10.04 8.95
CA ASN A 66 5.00 -9.29 9.73
C ASN A 66 4.37 -8.73 11.00
N GLY A 67 3.16 -9.13 11.35
CA GLY A 67 2.52 -8.62 12.56
C GLY A 67 1.72 -7.36 12.32
N HIS A 68 1.89 -6.70 11.19
CA HIS A 68 1.11 -5.48 10.85
C HIS A 68 0.32 -5.63 9.56
N SER A 69 0.73 -6.51 8.67
CA SER A 69 0.06 -6.76 7.39
C SER A 69 0.54 -8.11 6.88
N VAL A 70 0.02 -8.50 5.74
CA VAL A 70 0.59 -9.59 4.91
C VAL A 70 1.27 -8.94 3.71
N GLN A 71 2.49 -9.36 3.45
CA GLN A 71 3.37 -8.68 2.51
C GLN A 71 4.01 -9.69 1.57
N VAL A 72 4.00 -9.37 0.28
CA VAL A 72 4.68 -10.16 -0.76
C VAL A 72 5.93 -9.39 -1.15
N ASP A 73 7.08 -10.04 -1.03
CA ASP A 73 8.37 -9.43 -1.37
C ASP A 73 8.82 -9.84 -2.77
N PHE A 74 9.57 -8.95 -3.41
CA PHE A 74 10.06 -9.13 -4.80
C PHE A 74 11.58 -9.06 -4.85
N ASN A 75 12.14 -9.71 -5.86
CA ASN A 75 13.52 -9.48 -6.30
C ASN A 75 13.57 -8.08 -6.90
N ASP A 76 14.37 -7.22 -6.32
CA ASP A 76 14.52 -5.83 -6.80
C ASP A 76 15.98 -5.56 -7.13
N SER A 77 16.72 -6.57 -7.57
N SER A 77 16.67 -6.61 -7.58
CA SER A 77 18.15 -6.38 -7.85
CA SER A 77 18.10 -6.54 -7.95
C SER A 77 18.36 -5.69 -9.21
C SER A 77 18.31 -5.57 -9.12
N ASP A 78 17.31 -5.45 -9.99
CA ASP A 78 17.43 -4.68 -11.26
C ASP A 78 16.10 -3.99 -11.54
N ASP A 79 16.04 -3.20 -12.61
CA ASP A 79 14.85 -2.38 -12.93
C ASP A 79 13.93 -3.13 -13.89
N ARG A 80 13.67 -4.43 -13.67
CA ARG A 80 12.69 -5.24 -14.45
C ARG A 80 11.24 -4.89 -14.11
N THR A 81 10.93 -4.75 -12.83
CA THR A 81 9.53 -4.60 -12.32
C THR A 81 9.41 -3.22 -11.69
N VAL A 82 8.90 -2.29 -12.47
CA VAL A 82 9.02 -0.85 -12.14
C VAL A 82 7.71 -0.12 -12.40
N VAL A 83 7.59 0.99 -11.72
CA VAL A 83 6.63 2.04 -12.08
C VAL A 83 7.41 3.20 -12.68
N THR A 84 6.82 3.83 -13.67
N THR A 84 6.86 3.74 -13.78
CA THR A 84 7.42 5.04 -14.28
CA THR A 84 7.38 4.93 -14.50
C THR A 84 6.28 5.88 -14.84
C THR A 84 6.24 5.90 -14.79
N GLY A 85 6.63 7.11 -15.18
CA GLY A 85 5.66 8.08 -15.67
C GLY A 85 4.81 8.64 -14.57
N GLY A 86 3.66 9.19 -14.96
CA GLY A 86 2.86 9.94 -13.99
C GLY A 86 3.69 11.08 -13.42
N PRO A 87 3.76 11.22 -12.09
CA PRO A 87 4.55 12.28 -11.46
C PRO A 87 6.05 11.97 -11.37
N LEU A 88 6.49 10.78 -11.73
CA LEU A 88 7.83 10.28 -11.34
C LEU A 88 8.91 10.73 -12.30
N GLU A 89 10.08 11.04 -11.75
CA GLU A 89 11.37 11.18 -12.48
C GLU A 89 12.05 9.82 -12.43
N GLY A 90 11.81 9.09 -13.51
CA GLY A 90 12.53 7.87 -13.80
C GLY A 90 11.85 6.71 -13.11
N PRO A 91 12.36 5.50 -13.36
CA PRO A 91 11.73 4.29 -12.83
C PRO A 91 12.00 4.08 -11.33
N TYR A 92 11.02 3.50 -10.66
CA TYR A 92 11.10 3.07 -9.25
C TYR A 92 10.81 1.57 -9.23
N ARG A 93 11.68 0.81 -8.60
CA ARG A 93 11.60 -0.67 -8.60
C ARG A 93 10.64 -1.13 -7.50
N LEU A 94 9.84 -2.14 -7.82
CA LEU A 94 8.91 -2.74 -6.83
C LEU A 94 9.69 -3.55 -5.80
N LYS A 95 9.53 -3.22 -4.53
N LYS A 95 9.56 -3.23 -4.52
CA LYS A 95 10.13 -3.93 -3.37
CA LYS A 95 10.15 -4.06 -3.46
C LYS A 95 9.17 -4.99 -2.83
C LYS A 95 9.13 -5.04 -2.90
N GLN A 96 7.91 -4.59 -2.67
CA GLN A 96 6.94 -5.40 -1.94
C GLN A 96 5.55 -4.83 -2.17
N PHE A 97 4.53 -5.64 -1.95
CA PHE A 97 3.17 -5.10 -1.78
C PHE A 97 2.57 -5.68 -0.53
N HIS A 98 1.59 -4.95 0.00
CA HIS A 98 0.87 -5.39 1.21
C HIS A 98 -0.49 -4.74 1.22
N PHE A 99 -1.27 -5.03 2.25
CA PHE A 99 -2.68 -4.58 2.33
C PHE A 99 -2.99 -3.98 3.69
N HIS A 100 -4.06 -3.19 3.69
CA HIS A 100 -4.70 -2.68 4.93
C HIS A 100 -6.17 -2.98 4.82
N TRP A 101 -6.81 -3.40 5.88
CA TRP A 101 -8.22 -3.78 5.80
C TRP A 101 -8.91 -3.62 7.14
N GLY A 102 -10.22 -3.76 7.10
CA GLY A 102 -11.08 -3.53 8.26
C GLY A 102 -11.61 -4.78 8.93
N LYS A 103 -12.18 -4.57 10.12
CA LYS A 103 -12.89 -5.63 10.87
C LYS A 103 -14.25 -5.84 10.19
N LYS A 104 -14.82 -4.77 9.70
CA LYS A 104 -16.15 -4.79 9.08
C LYS A 104 -16.01 -4.17 7.71
N HIS A 105 -17.02 -4.37 6.89
CA HIS A 105 -16.96 -4.21 5.41
C HIS A 105 -16.92 -2.73 4.97
N ASP A 106 -17.26 -1.77 5.84
CA ASP A 106 -17.41 -0.31 5.51
C ASP A 106 -16.11 0.50 5.88
N VAL A 107 -15.07 -0.16 6.37
CA VAL A 107 -13.80 0.52 6.77
C VAL A 107 -12.66 -0.37 6.28
N GLY A 108 -11.47 0.22 6.25
CA GLY A 108 -10.29 -0.61 6.05
C GLY A 108 -9.27 0.09 5.23
N SER A 109 -9.67 0.88 4.24
CA SER A 109 -8.71 1.65 3.44
C SER A 109 -8.07 2.73 4.28
N GLU A 110 -6.89 3.15 3.83
CA GLU A 110 -6.17 4.28 4.44
C GLU A 110 -6.63 5.59 3.81
N HIS A 111 -6.43 5.70 2.50
CA HIS A 111 -7.01 6.82 1.76
C HIS A 111 -8.52 6.71 1.77
N THR A 112 -9.19 7.84 1.72
CA THR A 112 -10.64 7.92 1.48
C THR A 112 -10.82 8.84 0.30
N VAL A 113 -12.01 8.72 -0.33
CA VAL A 113 -12.35 9.61 -1.48
C VAL A 113 -13.68 10.26 -1.14
N ASP A 114 -13.67 11.57 -0.97
CA ASP A 114 -14.89 12.33 -0.59
C ASP A 114 -15.53 11.67 0.62
N GLY A 115 -14.68 11.32 1.58
CA GLY A 115 -15.08 10.78 2.89
C GLY A 115 -15.44 9.31 2.83
N LYS A 116 -15.37 8.69 1.67
CA LYS A 116 -15.76 7.26 1.57
C LYS A 116 -14.54 6.39 1.76
N SER A 117 -14.66 5.36 2.60
CA SER A 117 -13.66 4.29 2.77
C SER A 117 -14.05 3.09 1.94
N PHE A 118 -13.06 2.29 1.59
CA PHE A 118 -13.21 0.96 0.99
C PHE A 118 -12.86 -0.09 2.02
N PRO A 119 -13.25 -1.34 1.80
CA PRO A 119 -12.96 -2.37 2.78
C PRO A 119 -11.46 -2.71 2.88
N SER A 120 -10.69 -2.44 1.83
CA SER A 120 -9.25 -2.71 1.86
C SER A 120 -8.54 -1.78 0.88
N GLU A 121 -7.23 -1.68 1.05
CA GLU A 121 -6.35 -0.93 0.14
C GLU A 121 -5.06 -1.73 -0.02
N LEU A 122 -4.64 -1.89 -1.26
CA LEU A 122 -3.38 -2.51 -1.65
C LEU A 122 -2.34 -1.41 -1.87
N HIS A 123 -1.13 -1.62 -1.34
CA HIS A 123 0.01 -0.70 -1.54
C HIS A 123 1.12 -1.45 -2.24
N LEU A 124 1.49 -0.98 -3.41
CA LEU A 124 2.63 -1.48 -4.20
C LEU A 124 3.77 -0.51 -3.95
N VAL A 125 4.81 -0.97 -3.25
CA VAL A 125 5.85 -0.09 -2.68
C VAL A 125 7.09 -0.16 -3.55
N HIS A 126 7.49 0.98 -4.11
CA HIS A 126 8.63 1.08 -5.06
C HIS A 126 9.67 2.05 -4.54
N TRP A 127 10.91 1.90 -4.98
CA TRP A 127 11.98 2.76 -4.51
C TRP A 127 12.89 3.17 -5.64
N ASN A 128 13.55 4.30 -5.43
CA ASN A 128 14.42 4.93 -6.43
C ASN A 128 15.83 4.33 -6.34
N ALA A 129 16.01 3.17 -6.94
CA ALA A 129 17.25 2.41 -6.88
C ALA A 129 18.31 3.02 -7.81
N LYS A 130 17.87 3.88 -8.72
CA LYS A 130 18.82 4.59 -9.60
C LYS A 130 19.62 5.56 -8.76
N LYS A 131 19.02 6.15 -7.73
CA LYS A 131 19.63 7.25 -6.96
C LYS A 131 20.16 6.79 -5.60
N TYR A 132 19.50 5.82 -4.97
CA TYR A 132 19.86 5.40 -3.60
C TYR A 132 20.36 3.96 -3.64
N SER A 133 21.22 3.67 -2.67
N SER A 133 21.21 3.57 -2.70
CA SER A 133 21.93 2.39 -2.53
CA SER A 133 21.84 2.23 -2.73
C SER A 133 20.94 1.30 -2.09
C SER A 133 21.02 1.20 -1.96
N THR A 134 20.10 1.61 -1.09
CA THR A 134 19.25 0.66 -0.36
C THR A 134 17.84 1.23 -0.28
N PHE A 135 16.91 0.33 -0.07
CA PHE A 135 15.53 0.73 0.23
C PHE A 135 15.50 1.64 1.46
N GLY A 136 16.22 1.30 2.54
CA GLY A 136 16.16 2.10 3.77
C GLY A 136 16.74 3.49 3.58
N GLU A 137 17.74 3.64 2.71
CA GLU A 137 18.24 4.98 2.36
C GLU A 137 17.18 5.75 1.57
N ALA A 138 16.57 5.10 0.57
CA ALA A 138 15.51 5.77 -0.20
C ALA A 138 14.36 6.18 0.74
N ALA A 139 14.04 5.36 1.72
CA ALA A 139 12.87 5.59 2.58
C ALA A 139 13.06 6.83 3.46
N SER A 140 14.28 7.40 3.52
N SER A 140 14.24 7.44 3.52
CA SER A 140 14.66 8.62 4.26
CA SER A 140 14.46 8.68 4.30
C SER A 140 14.42 9.89 3.42
C SER A 140 14.59 9.90 3.41
N ALA A 141 14.41 9.77 2.10
CA ALA A 141 14.57 10.89 1.15
C ALA A 141 13.22 11.32 0.57
N PRO A 142 12.98 12.63 0.33
CA PRO A 142 11.68 13.06 -0.22
C PRO A 142 11.30 12.40 -1.56
N ASP A 143 12.30 12.12 -2.39
CA ASP A 143 12.08 11.51 -3.72
C ASP A 143 12.38 10.00 -3.69
N GLY A 144 12.44 9.38 -2.51
CA GLY A 144 12.97 8.01 -2.43
C GLY A 144 11.97 6.94 -2.81
N LEU A 145 10.69 7.10 -2.45
CA LEU A 145 9.70 6.04 -2.62
C LEU A 145 8.53 6.49 -3.48
N ALA A 146 7.90 5.53 -4.14
CA ALA A 146 6.64 5.73 -4.85
C ALA A 146 5.73 4.58 -4.46
N VAL A 147 4.57 4.90 -3.89
CA VAL A 147 3.60 3.88 -3.51
C VAL A 147 2.37 4.04 -4.39
N VAL A 148 1.98 2.97 -5.05
CA VAL A 148 0.74 2.93 -5.83
C VAL A 148 -0.31 2.29 -4.94
N GLY A 149 -1.39 3.03 -4.70
CA GLY A 149 -2.49 2.52 -3.92
C GLY A 149 -3.63 2.09 -4.81
N VAL A 150 -4.22 0.97 -4.49
CA VAL A 150 -5.39 0.40 -5.23
C VAL A 150 -6.45 0.08 -4.19
N PHE A 151 -7.64 0.65 -4.36
CA PHE A 151 -8.76 0.30 -3.49
C PHE A 151 -9.32 -1.05 -3.87
N LEU A 152 -9.78 -1.78 -2.86
CA LEU A 152 -10.52 -3.03 -3.05
C LEU A 152 -11.96 -2.84 -2.56
N GLU A 153 -12.90 -3.26 -3.37
CA GLU A 153 -14.32 -3.32 -3.00
C GLU A 153 -14.70 -4.79 -2.97
N THR A 154 -15.80 -5.11 -2.31
CA THR A 154 -16.30 -6.50 -2.42
C THR A 154 -17.40 -6.60 -3.46
N GLY A 155 -17.32 -7.71 -4.17
CA GLY A 155 -18.21 -8.03 -5.28
C GLY A 155 -17.91 -9.40 -5.80
N ASP A 156 -17.66 -9.49 -7.11
CA ASP A 156 -17.32 -10.79 -7.73
C ASP A 156 -15.95 -11.28 -7.28
N GLU A 157 -15.81 -12.60 -7.22
CA GLU A 157 -14.49 -13.24 -6.96
C GLU A 157 -13.46 -12.77 -7.98
N HIS A 158 -12.27 -12.49 -7.48
CA HIS A 158 -11.10 -12.12 -8.30
C HIS A 158 -10.25 -13.37 -8.53
N PRO A 159 -10.08 -13.87 -9.77
CA PRO A 159 -9.38 -15.14 -9.96
C PRO A 159 -7.95 -15.14 -9.41
N SER A 160 -7.14 -14.14 -9.75
CA SER A 160 -5.72 -14.15 -9.34
C SER A 160 -5.59 -13.99 -7.83
N MET A 161 -6.55 -13.28 -7.22
CA MET A 161 -6.54 -13.14 -5.76
C MET A 161 -6.64 -14.48 -5.09
N ASN A 162 -7.26 -15.49 -5.72
CA ASN A 162 -7.37 -16.83 -5.07
C ASN A 162 -6.01 -17.39 -4.72
N ARG A 163 -5.06 -17.17 -5.56
CA ARG A 163 -3.76 -17.72 -5.21
C ARG A 163 -3.27 -17.10 -3.91
N LEU A 164 -3.47 -15.81 -3.79
CA LEU A 164 -3.02 -15.12 -2.60
C LEU A 164 -3.85 -15.53 -1.37
N THR A 165 -5.16 -15.53 -1.50
CA THR A 165 -5.97 -15.88 -0.32
C THR A 165 -5.79 -17.33 0.08
N ASP A 166 -5.54 -18.24 -0.85
CA ASP A 166 -5.24 -19.65 -0.47
C ASP A 166 -3.93 -19.77 0.29
N ALA A 167 -3.00 -18.84 0.10
CA ALA A 167 -1.68 -18.91 0.75
C ALA A 167 -1.76 -18.36 2.17
N LEU A 168 -2.83 -17.68 2.54
CA LEU A 168 -2.86 -16.98 3.84
C LEU A 168 -2.85 -17.93 5.03
N TYR A 169 -3.40 -19.13 4.91
CA TYR A 169 -3.44 -20.12 6.00
C TYR A 169 -2.02 -20.29 6.53
N MET A 170 -1.05 -20.50 5.65
CA MET A 170 0.31 -20.89 6.05
C MET A 170 1.03 -19.68 6.68
N VAL A 171 0.49 -18.47 6.57
CA VAL A 171 1.10 -17.30 7.23
C VAL A 171 0.11 -16.67 8.22
N ARG A 172 -0.76 -17.48 8.81
CA ARG A 172 -1.76 -16.92 9.76
C ARG A 172 -1.10 -16.30 10.98
N PHE A 173 -0.02 -16.87 11.48
CA PHE A 173 0.62 -16.35 12.69
C PHE A 173 1.69 -15.30 12.37
N LYS A 174 1.77 -14.31 13.24
CA LYS A 174 2.82 -13.28 13.17
C LYS A 174 4.19 -13.97 13.04
N GLY A 175 5.03 -13.45 12.15
CA GLY A 175 6.43 -13.88 12.04
C GLY A 175 6.61 -15.08 11.14
N THR A 176 5.58 -15.50 10.40
CA THR A 176 5.69 -16.67 9.51
C THR A 176 5.77 -16.21 8.07
N LYS A 177 6.33 -17.09 7.25
CA LYS A 177 6.63 -16.79 5.84
C LYS A 177 6.48 -18.05 5.01
N ALA A 178 6.18 -17.88 3.74
CA ALA A 178 6.12 -19.00 2.78
C ALA A 178 6.68 -18.54 1.45
N GLN A 179 7.24 -19.46 0.70
CA GLN A 179 7.63 -19.17 -0.67
C GLN A 179 6.40 -18.81 -1.51
N PHE A 180 6.57 -17.89 -2.44
CA PHE A 180 5.45 -17.36 -3.23
C PHE A 180 5.97 -16.94 -4.58
N SER A 181 6.16 -17.90 -5.47
CA SER A 181 6.79 -17.68 -6.78
C SER A 181 5.76 -17.43 -7.88
N CYS A 182 6.15 -16.66 -8.88
CA CYS A 182 5.39 -16.42 -10.13
C CYS A 182 4.01 -15.86 -9.82
N PHE A 183 3.97 -14.91 -8.90
CA PHE A 183 2.78 -14.05 -8.73
C PHE A 183 3.05 -12.74 -9.46
N ASN A 184 2.21 -12.43 -10.46
CA ASN A 184 2.36 -11.20 -11.25
C ASN A 184 1.49 -10.14 -10.60
N PRO A 185 2.09 -9.09 -10.01
CA PRO A 185 1.30 -8.02 -9.38
C PRO A 185 0.41 -7.25 -10.36
N LYS A 186 0.67 -7.35 -11.67
CA LYS A 186 -0.21 -6.72 -12.65
C LYS A 186 -1.63 -7.29 -12.52
N SER A 187 -1.76 -8.51 -12.04
CA SER A 187 -3.08 -9.15 -11.90
C SER A 187 -3.96 -8.45 -10.86
N LEU A 188 -3.39 -7.61 -10.01
CA LEU A 188 -4.16 -6.89 -8.97
C LEU A 188 -4.44 -5.45 -9.37
N LEU A 189 -4.26 -5.13 -10.64
CA LEU A 189 -4.50 -3.76 -11.11
C LEU A 189 -5.84 -3.67 -11.81
N PRO A 190 -6.51 -2.50 -11.73
CA PRO A 190 -7.71 -2.25 -12.52
C PRO A 190 -7.32 -1.95 -13.96
N ALA A 191 -8.34 -1.89 -14.84
CA ALA A 191 -8.11 -1.62 -16.28
C ALA A 191 -7.83 -0.15 -16.55
N SER A 192 -8.12 0.76 -15.66
CA SER A 192 -7.76 2.18 -15.82
C SER A 192 -6.44 2.51 -15.12
N ARG A 193 -5.64 3.39 -15.71
CA ARG A 193 -4.41 3.96 -15.11
C ARG A 193 -4.61 5.41 -14.72
N HIS A 194 -5.85 5.88 -14.59
CA HIS A 194 -6.09 7.19 -13.99
C HIS A 194 -5.79 7.21 -12.49
N TYR A 195 -5.33 8.34 -12.00
CA TYR A 195 -4.82 8.39 -10.62
C TYR A 195 -4.89 9.81 -10.08
N TRP A 196 -4.77 9.88 -8.77
CA TRP A 196 -4.44 11.09 -7.99
C TRP A 196 -3.01 10.95 -7.50
N THR A 197 -2.30 12.06 -7.34
CA THR A 197 -0.93 12.00 -6.80
C THR A 197 -0.69 13.20 -5.90
N TYR A 198 0.04 12.95 -4.82
CA TYR A 198 0.43 14.02 -3.89
C TYR A 198 1.68 13.57 -3.15
N PRO A 199 2.44 14.53 -2.57
CA PRO A 199 3.61 14.20 -1.77
C PRO A 199 3.20 13.84 -0.36
N GLY A 200 3.65 12.70 0.11
CA GLY A 200 3.25 12.24 1.44
C GLY A 200 4.32 11.41 2.13
N SER A 201 3.83 10.47 2.92
CA SER A 201 4.66 9.73 3.89
C SER A 201 4.36 8.24 3.87
N LEU A 202 5.24 7.48 4.52
CA LEU A 202 4.89 6.13 4.98
C LEU A 202 3.69 6.25 5.92
N THR A 203 2.78 5.28 5.89
CA THR A 203 1.61 5.30 6.77
C THR A 203 1.80 4.44 8.02
N THR A 204 3.00 3.91 8.23
CA THR A 204 3.37 3.28 9.50
C THR A 204 4.66 3.90 9.96
N PRO A 205 4.97 3.79 11.27
CA PRO A 205 6.31 4.13 11.74
C PRO A 205 7.37 3.56 10.81
N PRO A 206 8.43 4.31 10.47
CA PRO A 206 8.80 5.61 11.05
C PRO A 206 8.12 6.84 10.44
N LEU A 207 7.13 6.67 9.56
CA LEU A 207 6.28 7.81 9.12
C LEU A 207 7.08 8.83 8.29
N SER A 208 8.19 8.38 7.69
CA SER A 208 9.06 9.29 6.93
C SER A 208 8.32 9.90 5.75
N GLU A 209 8.63 11.15 5.48
CA GLU A 209 7.98 11.93 4.42
C GLU A 209 8.77 11.77 3.11
N SER A 210 8.73 10.55 2.58
CA SER A 210 9.60 10.07 1.50
C SER A 210 8.78 9.53 0.32
N VAL A 211 7.45 9.64 0.37
CA VAL A 211 6.59 8.91 -0.60
C VAL A 211 5.92 9.86 -1.57
N THR A 212 6.06 9.56 -2.85
CA THR A 212 5.17 10.08 -3.90
C THR A 212 4.01 9.10 -4.00
N TRP A 213 2.82 9.54 -3.57
CA TRP A 213 1.64 8.69 -3.59
C TRP A 213 1.00 8.75 -4.97
N ILE A 214 0.60 7.60 -5.47
CA ILE A 214 -0.15 7.47 -6.72
C ILE A 214 -1.34 6.59 -6.41
N VAL A 215 -2.50 7.18 -6.23
CA VAL A 215 -3.69 6.45 -5.79
C VAL A 215 -4.58 6.24 -7.02
N LEU A 216 -4.78 4.99 -7.43
CA LEU A 216 -5.59 4.75 -8.65
C LEU A 216 -7.06 5.09 -8.38
N ARG A 217 -7.67 5.67 -9.41
CA ARG A 217 -9.08 6.05 -9.36
C ARG A 217 -10.00 4.84 -9.28
N GLU A 218 -9.71 3.78 -10.01
CA GLU A 218 -10.64 2.66 -10.15
C GLU A 218 -10.30 1.54 -9.17
N PRO A 219 -11.27 1.06 -8.37
N PRO A 219 -11.26 1.13 -8.30
CA PRO A 219 -10.99 -0.05 -7.47
CA PRO A 219 -11.04 -0.03 -7.43
C PRO A 219 -10.91 -1.36 -8.26
C PRO A 219 -11.04 -1.36 -8.18
N ILE A 220 -10.40 -2.37 -7.60
CA ILE A 220 -10.62 -3.78 -8.00
C ILE A 220 -11.64 -4.39 -7.05
N SER A 221 -12.20 -5.50 -7.50
N SER A 221 -12.27 -5.47 -7.47
CA SER A 221 -13.24 -6.26 -6.77
CA SER A 221 -13.22 -6.16 -6.59
C SER A 221 -12.64 -7.55 -6.28
C SER A 221 -12.73 -7.55 -6.29
N ILE A 222 -12.95 -7.95 -5.07
CA ILE A 222 -12.72 -9.35 -4.62
C ILE A 222 -13.99 -9.83 -3.95
N SER A 223 -14.13 -11.12 -3.74
CA SER A 223 -15.35 -11.62 -3.10
C SER A 223 -15.31 -11.41 -1.60
N GLU A 224 -16.47 -11.50 -0.97
CA GLU A 224 -16.51 -11.49 0.50
C GLU A 224 -15.70 -12.66 1.08
N ARG A 225 -15.77 -13.85 0.49
CA ARG A 225 -14.97 -14.99 0.97
C ARG A 225 -13.49 -14.60 0.96
N GLN A 226 -13.03 -14.01 -0.15
CA GLN A 226 -11.63 -13.62 -0.29
C GLN A 226 -11.27 -12.56 0.76
N MET A 227 -12.13 -11.56 0.95
CA MET A 227 -11.87 -10.52 1.96
C MET A 227 -11.81 -11.18 3.33
N GLY A 228 -12.68 -12.15 3.61
CA GLY A 228 -12.67 -12.94 4.85
C GLY A 228 -11.36 -13.63 5.17
N LYS A 229 -10.64 -14.10 4.16
CA LYS A 229 -9.37 -14.83 4.39
C LYS A 229 -8.36 -13.82 4.99
N PHE A 230 -8.36 -12.56 4.58
CA PHE A 230 -7.51 -11.54 5.23
C PHE A 230 -7.81 -11.42 6.72
N ARG A 231 -9.09 -11.43 7.08
CA ARG A 231 -9.50 -11.27 8.48
C ARG A 231 -9.16 -12.52 9.32
N SER A 232 -8.83 -13.63 8.66
N SER A 232 -8.80 -13.65 8.71
CA SER A 232 -8.37 -14.89 9.31
CA SER A 232 -8.35 -14.88 9.42
C SER A 232 -6.95 -14.73 9.86
C SER A 232 -6.87 -14.81 9.80
N LEU A 233 -6.15 -13.82 9.29
CA LEU A 233 -4.76 -13.60 9.74
C LEU A 233 -4.77 -13.11 11.18
N LEU A 234 -3.65 -13.30 11.86
CA LEU A 234 -3.51 -12.89 13.27
C LEU A 234 -2.41 -11.87 13.44
N PHE A 235 -2.63 -10.94 14.37
CA PHE A 235 -1.57 -10.03 14.86
C PHE A 235 -0.56 -10.79 15.74
N THR A 236 -0.95 -11.97 16.21
CA THR A 236 -0.29 -12.69 17.33
C THR A 236 0.48 -13.90 16.80
N SER A 237 1.48 -14.31 17.59
CA SER A 237 2.34 -15.50 17.32
C SER A 237 1.60 -16.75 17.78
N GLU A 238 2.09 -17.92 17.37
CA GLU A 238 1.43 -19.24 17.55
C GLU A 238 0.98 -19.48 19.00
N ASP A 239 1.75 -19.03 19.99
CA ASP A 239 1.55 -19.42 21.40
C ASP A 239 0.62 -18.44 22.14
N ASP A 240 0.40 -17.25 21.58
CA ASP A 240 -0.33 -16.15 22.26
C ASP A 240 -1.84 -16.32 22.01
N GLU A 241 -2.64 -15.76 22.92
CA GLU A 241 -4.11 -15.69 22.75
C GLU A 241 -4.36 -15.00 21.40
N ARG A 242 -5.24 -15.56 20.58
CA ARG A 242 -5.44 -15.12 19.20
C ARG A 242 -6.05 -13.73 19.21
N ILE A 243 -5.44 -12.82 18.47
CA ILE A 243 -6.04 -11.51 18.12
C ILE A 243 -6.00 -11.40 16.61
N HIS A 244 -7.16 -11.31 15.98
CA HIS A 244 -7.24 -11.21 14.50
C HIS A 244 -6.67 -9.88 13.98
N MET A 245 -5.94 -9.97 12.89
CA MET A 245 -5.42 -8.81 12.15
C MET A 245 -6.54 -8.16 11.37
N VAL A 246 -7.07 -7.09 11.94
CA VAL A 246 -8.15 -6.26 11.32
C VAL A 246 -7.95 -4.81 11.76
N ASN A 247 -8.47 -3.87 10.98
CA ASN A 247 -8.36 -2.42 11.25
C ASN A 247 -6.88 -2.02 11.32
N ASN A 248 -6.08 -2.58 10.45
CA ASN A 248 -4.63 -2.27 10.37
C ASN A 248 -4.40 -1.09 9.41
N PHE A 249 -5.08 0.02 9.65
CA PHE A 249 -5.01 1.23 8.82
C PHE A 249 -4.79 2.45 9.71
N ARG A 250 -4.14 3.43 9.13
CA ARG A 250 -3.99 4.78 9.68
C ARG A 250 -5.07 5.64 9.04
N PRO A 251 -5.79 6.46 9.81
CA PRO A 251 -6.82 7.32 9.22
C PRO A 251 -6.25 8.55 8.51
N PRO A 252 -7.09 9.31 7.79
CA PRO A 252 -6.62 10.48 7.05
C PRO A 252 -5.97 11.51 7.96
N GLN A 253 -4.95 12.15 7.40
CA GLN A 253 -4.12 13.16 8.08
C GLN A 253 -4.36 14.52 7.43
N PRO A 254 -4.00 15.61 8.13
CA PRO A 254 -4.22 16.95 7.59
C PRO A 254 -3.45 17.23 6.28
N LEU A 255 -4.14 17.84 5.33
CA LEU A 255 -3.53 18.12 4.02
C LEU A 255 -2.43 19.17 4.14
N LYS A 256 -2.60 20.18 5.01
CA LYS A 256 -1.56 21.22 5.26
C LYS A 256 -1.15 21.90 3.97
N GLY A 257 -2.13 22.23 3.12
CA GLY A 257 -1.88 23.06 1.93
C GLY A 257 -1.26 22.31 0.77
N ARG A 258 -1.05 21.00 0.85
CA ARG A 258 -0.56 20.23 -0.30
C ARG A 258 -1.60 20.24 -1.43
N VAL A 259 -1.08 20.14 -2.64
CA VAL A 259 -1.83 20.06 -3.93
C VAL A 259 -2.03 18.58 -4.28
N VAL A 260 -3.29 18.12 -4.36
CA VAL A 260 -3.59 16.80 -4.96
C VAL A 260 -3.82 17.01 -6.45
N LYS A 261 -3.01 16.36 -7.26
CA LYS A 261 -3.13 16.39 -8.72
C LYS A 261 -3.91 15.18 -9.19
N ALA A 262 -4.66 15.34 -10.27
CA ALA A 262 -5.43 14.26 -10.90
C ALA A 262 -5.00 14.15 -12.36
N SER A 263 -4.90 12.92 -12.87
CA SER A 263 -4.60 12.63 -14.28
C SER A 263 -5.85 12.79 -15.14
N PHE A 264 -7.00 13.07 -14.56
CA PHE A 264 -8.31 13.03 -15.25
C PHE A 264 -9.17 14.16 -14.70
N ARG A 265 -10.22 14.49 -15.45
CA ARG A 265 -11.27 15.43 -15.00
C ARG A 265 -12.44 14.64 -14.43
N ALA A 266 -12.84 14.98 -13.20
CA ALA A 266 -13.86 14.23 -12.42
C ALA A 266 -15.24 14.41 -13.05
#